data_2I7D
#
_entry.id   2I7D
#
_cell.length_a   39.623
_cell.length_b   47.153
_cell.length_c   62.384
_cell.angle_alpha   68.920
_cell.angle_beta   81.690
_cell.angle_gamma   74.990
#
_symmetry.space_group_name_H-M   'P 1'
#
loop_
_entity.id
_entity.type
_entity.pdbx_description
1 polymer "5'(3')-deoxyribonucleotidase, cytosolic type"
2 non-polymer 'MAGNESIUM ION'
3 non-polymer 'TETRAFLUOROALUMINATE ION'
4 non-polymer "2'-DEOXYURIDINE"
5 water water
#
_entity_poly.entity_id   1
_entity_poly.type   'polypeptide(L)'
_entity_poly.pdbx_seq_one_letter_code
;RSVRVLVDMDGVLADFEAGLLRGFRRRFPEEPHVPLEQRRGFLAREQYRALRPDLADKVASVYEAPGFFLDLEPIPGALD
AVREMNDLPDTQVFICTSPLLKYHHCVGEKYRWVEQHLGPQFVERIILTRDKTVVLGDLLIDDKDTVRGQEETPSWEHIL
FTCCHNRHLVLPPTRRRLLSWSDNWREILDSKR
;
_entity_poly.pdbx_strand_id   A,B
#
loop_
_chem_comp.id
_chem_comp.type
_chem_comp.name
_chem_comp.formula
ALF non-polymer 'TETRAFLUOROALUMINATE ION' 'Al F4 -1'
DUR non-polymer 2'-DEOXYURIDINE 'C9 H12 N2 O5'
MG non-polymer 'MAGNESIUM ION' 'Mg 2'
#
# COMPACT_ATOMS: atom_id res chain seq x y z
N ARG A 1 -3.33 26.71 -3.64
CA ARG A 1 -3.07 25.45 -2.96
C ARG A 1 -3.87 24.30 -3.59
N SER A 2 -3.25 23.15 -3.60
CA SER A 2 -3.87 21.96 -4.20
C SER A 2 -4.73 21.19 -3.19
N VAL A 3 -5.85 20.64 -3.67
CA VAL A 3 -6.75 19.78 -2.87
C VAL A 3 -6.43 18.30 -3.15
N ARG A 4 -6.09 17.52 -2.11
CA ARG A 4 -5.79 16.06 -2.25
C ARG A 4 -6.98 15.22 -1.78
N VAL A 5 -7.49 14.39 -2.68
CA VAL A 5 -8.67 13.54 -2.42
C VAL A 5 -8.24 12.04 -2.38
N LEU A 6 -8.53 11.37 -1.26
CA LEU A 6 -8.27 9.92 -1.10
C LEU A 6 -9.61 9.20 -1.38
N VAL A 7 -9.58 8.21 -2.27
CA VAL A 7 -10.79 7.51 -2.71
C VAL A 7 -10.69 5.99 -2.42
N ASP A 8 -11.63 5.47 -1.62
CA ASP A 8 -11.73 4.03 -1.30
C ASP A 8 -12.13 3.21 -2.57
N MET A 9 -11.88 1.89 -2.58
CA MET A 9 -12.28 1.00 -3.69
C MET A 9 -13.64 0.29 -3.47
N ASP A 10 -13.72 -0.63 -2.48
CA ASP A 10 -14.94 -1.42 -2.30
C ASP A 10 -16.11 -0.52 -1.84
N GLY A 11 -17.23 -0.56 -2.57
CA GLY A 11 -18.40 0.27 -2.22
C GLY A 11 -18.38 1.71 -2.75
N VAL A 12 -17.31 2.10 -3.46
CA VAL A 12 -17.11 3.48 -3.95
C VAL A 12 -16.76 3.47 -5.46
N LEU A 13 -15.74 2.68 -5.82
CA LEU A 13 -15.36 2.42 -7.23
C LEU A 13 -15.82 1.05 -7.75
N ALA A 14 -15.75 0.01 -6.89
CA ALA A 14 -16.05 -1.40 -7.26
C ALA A 14 -17.22 -1.93 -6.43
N ASP A 15 -18.15 -2.66 -7.07
CA ASP A 15 -19.36 -3.12 -6.36
C ASP A 15 -19.15 -4.47 -5.64
N PHE A 16 -18.52 -4.40 -4.46
CA PHE A 16 -18.27 -5.56 -3.58
C PHE A 16 -19.56 -6.27 -3.15
N GLU A 17 -20.55 -5.49 -2.68
CA GLU A 17 -21.78 -6.09 -2.14
C GLU A 17 -22.55 -6.86 -3.21
N ALA A 18 -22.71 -6.28 -4.40
CA ALA A 18 -23.40 -7.01 -5.50
C ALA A 18 -22.61 -8.27 -5.92
N GLY A 19 -21.29 -8.16 -5.99
CA GLY A 19 -20.41 -9.32 -6.33
C GLY A 19 -20.51 -10.46 -5.31
N LEU A 20 -20.53 -10.08 -4.03
CA LEU A 20 -20.62 -11.07 -2.94
C LEU A 20 -21.98 -11.82 -3.00
N LEU A 21 -23.08 -11.07 -3.16
CA LEU A 21 -24.40 -11.72 -3.23
C LEU A 21 -24.50 -12.64 -4.47
N ARG A 22 -24.05 -12.15 -5.63
CA ARG A 22 -24.08 -12.96 -6.85
C ARG A 22 -23.28 -14.26 -6.68
N GLY A 23 -22.08 -14.18 -6.12
CA GLY A 23 -21.25 -15.37 -5.90
C GLY A 23 -21.83 -16.35 -4.87
N PHE A 24 -22.44 -15.82 -3.82
CA PHE A 24 -23.08 -16.65 -2.81
C PHE A 24 -24.29 -17.41 -3.40
N ARG A 25 -25.14 -16.71 -4.17
CA ARG A 25 -26.31 -17.36 -4.79
C ARG A 25 -25.91 -18.45 -5.81
N ARG A 26 -24.78 -18.24 -6.48
CA ARG A 26 -24.26 -19.21 -7.42
C ARG A 26 -23.73 -20.51 -6.75
N ARG A 27 -22.88 -20.34 -5.73
CA ARG A 27 -22.15 -21.45 -5.08
C ARG A 27 -22.98 -22.18 -4.01
N PHE A 28 -23.89 -21.42 -3.36
CA PHE A 28 -24.71 -21.93 -2.23
C PHE A 28 -26.20 -21.66 -2.53
N PRO A 29 -26.71 -22.23 -3.65
CA PRO A 29 -28.06 -21.85 -4.11
C PRO A 29 -29.21 -22.22 -3.17
N GLU A 30 -29.03 -23.26 -2.36
CA GLU A 30 -30.10 -23.72 -1.46
C GLU A 30 -30.18 -22.90 -0.15
N GLU A 31 -29.08 -22.22 0.22
CA GLU A 31 -28.96 -21.53 1.52
C GLU A 31 -29.73 -20.20 1.59
N PRO A 32 -30.21 -19.83 2.80
CA PRO A 32 -30.76 -18.46 2.96
C PRO A 32 -29.73 -17.38 2.62
N HIS A 33 -30.18 -16.22 2.11
CA HIS A 33 -29.29 -15.07 1.79
C HIS A 33 -29.83 -13.74 2.36
N VAL A 34 -29.01 -12.68 2.28
CA VAL A 34 -29.41 -11.33 2.69
C VAL A 34 -29.60 -10.39 1.45
N PRO A 35 -30.87 -10.02 1.12
CA PRO A 35 -31.09 -9.05 0.02
C PRO A 35 -30.32 -7.74 0.25
N LEU A 36 -29.86 -7.08 -0.81
CA LEU A 36 -28.93 -5.93 -0.63
C LEU A 36 -29.52 -4.85 0.29
N GLU A 37 -30.77 -4.46 0.07
CA GLU A 37 -31.30 -3.34 0.90
C GLU A 37 -31.68 -3.75 2.34
N GLN A 38 -31.58 -5.04 2.65
CA GLN A 38 -31.65 -5.56 4.05
C GLN A 38 -30.28 -5.52 4.78
N ARG A 39 -29.20 -5.23 4.06
CA ARG A 39 -27.86 -5.17 4.71
C ARG A 39 -27.78 -4.05 5.75
N ARG A 40 -27.17 -4.39 6.90
CA ARG A 40 -26.89 -3.44 7.98
C ARG A 40 -25.53 -3.79 8.58
N GLY A 41 -24.69 -2.78 8.79
CA GLY A 41 -23.35 -3.00 9.37
C GLY A 41 -22.32 -3.32 8.32
N PHE A 42 -21.10 -2.84 8.54
CA PHE A 42 -20.02 -2.92 7.56
C PHE A 42 -19.66 -4.35 7.12
N LEU A 43 -19.46 -5.25 8.08
CA LEU A 43 -19.00 -6.61 7.78
C LEU A 43 -20.14 -7.58 7.44
N ALA A 44 -20.23 -7.92 6.15
CA ALA A 44 -21.26 -8.86 5.69
C ALA A 44 -21.20 -10.23 6.41
N ARG A 45 -20.00 -10.73 6.70
CA ARG A 45 -19.85 -12.06 7.36
C ARG A 45 -20.63 -12.16 8.68
N GLU A 46 -20.66 -11.07 9.46
CA GLU A 46 -21.33 -11.12 10.74
C GLU A 46 -22.87 -11.10 10.63
N GLN A 47 -23.42 -10.44 9.61
CA GLN A 47 -24.86 -10.53 9.35
C GLN A 47 -25.28 -11.93 8.87
N TYR A 48 -24.45 -12.56 8.02
CA TYR A 48 -24.68 -13.96 7.61
C TYR A 48 -24.59 -14.93 8.81
N ARG A 49 -23.62 -14.73 9.72
CA ARG A 49 -23.51 -15.58 10.95
C ARG A 49 -24.79 -15.50 11.78
N ALA A 50 -25.34 -14.27 11.92
CA ALA A 50 -26.61 -14.01 12.63
C ALA A 50 -27.80 -14.72 11.97
N LEU A 51 -27.80 -14.74 10.64
CA LEU A 51 -28.84 -15.46 9.89
C LEU A 51 -28.82 -16.99 10.17
N ARG A 52 -27.65 -17.64 10.08
CA ARG A 52 -27.46 -19.06 10.51
C ARG A 52 -25.94 -19.32 10.70
N PRO A 53 -25.49 -19.93 11.83
CA PRO A 53 -24.04 -20.05 12.10
C PRO A 53 -23.14 -20.60 10.98
N ASP A 54 -23.60 -21.60 10.24
CA ASP A 54 -22.78 -22.24 9.19
C ASP A 54 -22.53 -21.28 8.00
N LEU A 55 -23.32 -20.21 7.89
CA LEU A 55 -23.20 -19.29 6.75
C LEU A 55 -21.99 -18.36 6.79
N ALA A 56 -21.42 -18.16 7.98
CA ALA A 56 -20.24 -17.28 8.10
C ALA A 56 -19.04 -17.80 7.26
N ASP A 57 -18.68 -19.08 7.43
CA ASP A 57 -17.57 -19.65 6.65
C ASP A 57 -17.90 -19.73 5.16
N LYS A 58 -19.16 -19.99 4.83
CA LYS A 58 -19.61 -20.04 3.43
C LYS A 58 -19.47 -18.69 2.70
N VAL A 59 -19.98 -17.61 3.31
CA VAL A 59 -19.91 -16.31 2.63
C VAL A 59 -18.43 -15.82 2.54
N ALA A 60 -17.62 -16.12 3.57
CA ALA A 60 -16.18 -15.80 3.54
C ALA A 60 -15.44 -16.53 2.41
N SER A 61 -15.81 -17.78 2.14
CA SER A 61 -15.19 -18.54 1.06
C SER A 61 -15.41 -17.87 -0.32
N VAL A 62 -16.52 -17.14 -0.48
CA VAL A 62 -16.76 -16.38 -1.70
C VAL A 62 -15.74 -15.23 -1.90
N TYR A 63 -15.61 -14.35 -0.90
CA TYR A 63 -14.67 -13.21 -1.09
C TYR A 63 -13.17 -13.53 -0.91
N GLU A 64 -12.85 -14.73 -0.39
CA GLU A 64 -11.47 -15.22 -0.30
C GLU A 64 -11.01 -16.03 -1.54
N ALA A 65 -11.91 -16.30 -2.48
CA ALA A 65 -11.60 -17.16 -3.64
C ALA A 65 -10.81 -16.44 -4.72
N PRO A 66 -9.93 -17.19 -5.45
CA PRO A 66 -9.30 -16.61 -6.64
C PRO A 66 -10.34 -15.98 -7.59
N GLY A 67 -10.03 -14.78 -8.11
CA GLY A 67 -10.91 -14.07 -9.06
C GLY A 67 -11.96 -13.13 -8.50
N PHE A 68 -12.26 -13.25 -7.20
CA PHE A 68 -13.36 -12.45 -6.63
C PHE A 68 -13.14 -10.92 -6.83
N PHE A 69 -11.99 -10.41 -6.40
CA PHE A 69 -11.72 -8.96 -6.54
C PHE A 69 -11.51 -8.55 -8.01
N LEU A 70 -10.81 -9.40 -8.76
CA LEU A 70 -10.55 -9.13 -10.18
C LEU A 70 -11.84 -8.88 -10.99
N ASP A 71 -12.88 -9.65 -10.66
CA ASP A 71 -14.11 -9.68 -11.46
C ASP A 71 -15.24 -8.68 -11.05
N LEU A 72 -15.01 -7.88 -10.00
CA LEU A 72 -16.04 -6.92 -9.54
C LEU A 72 -16.42 -5.90 -10.62
N GLU A 73 -17.71 -5.55 -10.71
CA GLU A 73 -18.19 -4.52 -11.65
C GLU A 73 -18.03 -3.10 -11.10
N PRO A 74 -17.76 -2.08 -11.97
CA PRO A 74 -17.69 -0.68 -11.47
C PRO A 74 -19.03 -0.14 -10.96
N ILE A 75 -18.97 0.73 -9.95
CA ILE A 75 -20.13 1.51 -9.49
C ILE A 75 -20.54 2.59 -10.53
N PRO A 76 -21.87 2.78 -10.79
CA PRO A 76 -22.28 3.77 -11.81
C PRO A 76 -21.68 5.18 -11.61
N GLY A 77 -21.13 5.75 -12.68
CA GLY A 77 -20.58 7.09 -12.64
C GLY A 77 -19.22 7.23 -11.98
N ALA A 78 -18.72 6.16 -11.33
CA ALA A 78 -17.49 6.24 -10.52
C ALA A 78 -16.22 6.50 -11.33
N LEU A 79 -16.02 5.71 -12.38
CA LEU A 79 -14.80 5.84 -13.18
C LEU A 79 -14.74 7.20 -13.91
N ASP A 80 -15.88 7.67 -14.46
CA ASP A 80 -15.92 9.01 -15.08
C ASP A 80 -15.62 10.11 -14.06
N ALA A 81 -16.18 10.01 -12.86
CA ALA A 81 -15.92 11.00 -11.83
C ALA A 81 -14.46 11.09 -11.42
N VAL A 82 -13.80 9.94 -11.22
CA VAL A 82 -12.37 9.92 -10.85
C VAL A 82 -11.49 10.50 -11.97
N ARG A 83 -11.79 10.15 -13.23
CA ARG A 83 -11.11 10.77 -14.38
C ARG A 83 -11.27 12.30 -14.42
N GLU A 84 -12.50 12.79 -14.28
CA GLU A 84 -12.79 14.23 -14.29
C GLU A 84 -12.09 14.93 -13.12
N MET A 85 -12.12 14.30 -11.94
CA MET A 85 -11.51 14.85 -10.73
C MET A 85 -10.01 15.00 -10.88
N ASN A 86 -9.35 13.96 -11.39
CA ASN A 86 -7.90 14.01 -11.58
C ASN A 86 -7.45 15.04 -12.65
N ASP A 87 -8.35 15.36 -13.59
CA ASP A 87 -8.09 16.37 -14.64
C ASP A 87 -8.30 17.83 -14.18
N LEU A 88 -8.86 18.07 -12.99
CA LEU A 88 -9.13 19.47 -12.54
C LEU A 88 -7.84 20.20 -12.15
N PRO A 89 -7.77 21.55 -12.38
CA PRO A 89 -6.60 22.29 -11.91
C PRO A 89 -6.48 22.19 -10.38
N ASP A 90 -5.25 22.16 -9.88
CA ASP A 90 -4.99 22.23 -8.43
C ASP A 90 -5.73 21.14 -7.64
N THR A 91 -5.67 19.89 -8.16
CA THR A 91 -6.39 18.73 -7.57
C THR A 91 -5.51 17.48 -7.79
N GLN A 92 -5.39 16.64 -6.76
CA GLN A 92 -4.63 15.36 -6.81
C GLN A 92 -5.50 14.24 -6.22
N VAL A 93 -5.44 13.09 -6.88
CA VAL A 93 -6.24 11.91 -6.45
C VAL A 93 -5.32 10.71 -6.12
N PHE A 94 -5.57 10.05 -4.98
CA PHE A 94 -4.97 8.71 -4.66
C PHE A 94 -6.11 7.71 -4.40
N ILE A 95 -5.90 6.44 -4.80
CA ILE A 95 -6.84 5.36 -4.48
C ILE A 95 -6.30 4.69 -3.21
N CYS A 96 -6.97 4.93 -2.07
CA CYS A 96 -6.47 4.49 -0.75
C CYS A 96 -7.36 3.36 -0.21
N THR A 97 -6.81 2.13 -0.21
CA THR A 97 -7.62 0.90 -0.05
C THR A 97 -6.90 -0.12 0.89
N SER A 98 -7.69 -0.95 1.57
CA SER A 98 -7.16 -1.94 2.53
C SER A 98 -7.25 -3.39 2.00
N PRO A 99 -6.21 -4.22 2.23
CA PRO A 99 -6.35 -5.65 1.93
C PRO A 99 -7.10 -6.39 3.04
N LEU A 100 -7.77 -7.49 2.68
CA LEU A 100 -8.22 -8.51 3.67
C LEU A 100 -7.07 -9.02 4.55
N LEU A 101 -7.39 -9.50 5.76
CA LEU A 101 -6.40 -10.24 6.57
C LEU A 101 -5.92 -11.51 5.83
N LYS A 102 -6.85 -12.21 5.15
CA LYS A 102 -6.50 -13.28 4.23
C LYS A 102 -6.13 -12.63 2.88
N TYR A 103 -4.88 -12.17 2.77
CA TYR A 103 -4.45 -11.24 1.70
C TYR A 103 -4.15 -11.91 0.33
N HIS A 104 -3.95 -13.23 0.34
CA HIS A 104 -3.38 -13.96 -0.82
C HIS A 104 -3.98 -13.63 -2.21
N HIS A 105 -5.31 -13.64 -2.32
CA HIS A 105 -6.00 -13.40 -3.60
C HIS A 105 -6.61 -11.98 -3.71
N CYS A 106 -6.19 -11.10 -2.80
CA CYS A 106 -6.71 -9.74 -2.77
C CYS A 106 -5.72 -8.67 -3.30
N VAL A 107 -4.48 -8.71 -2.82
CA VAL A 107 -3.49 -7.65 -3.10
C VAL A 107 -3.21 -7.50 -4.60
N GLY A 108 -2.80 -8.59 -5.25
CA GLY A 108 -2.47 -8.54 -6.67
C GLY A 108 -3.71 -8.26 -7.54
N GLU A 109 -4.86 -8.82 -7.16
CA GLU A 109 -6.10 -8.59 -7.91
C GLU A 109 -6.59 -7.13 -7.89
N LYS A 110 -6.41 -6.41 -6.76
CA LYS A 110 -6.76 -4.97 -6.71
C LYS A 110 -5.91 -4.12 -7.67
N TYR A 111 -4.60 -4.39 -7.71
CA TYR A 111 -3.70 -3.71 -8.68
C TYR A 111 -4.15 -3.97 -10.13
N ARG A 112 -4.45 -5.24 -10.46
CA ARG A 112 -4.88 -5.56 -11.83
C ARG A 112 -6.25 -4.93 -12.18
N TRP A 113 -7.17 -4.88 -11.21
CA TRP A 113 -8.47 -4.22 -11.44
C TRP A 113 -8.29 -2.74 -11.83
N VAL A 114 -7.44 -2.04 -11.08
CA VAL A 114 -7.16 -0.63 -11.41
C VAL A 114 -6.50 -0.47 -12.81
N GLU A 115 -5.52 -1.33 -13.09
CA GLU A 115 -4.84 -1.30 -14.40
C GLU A 115 -5.85 -1.44 -15.55
N GLN A 116 -6.74 -2.42 -15.43
CA GLN A 116 -7.72 -2.68 -16.48
C GLN A 116 -8.81 -1.58 -16.63
N HIS A 117 -9.34 -1.10 -15.52
CA HIS A 117 -10.47 -0.13 -15.56
C HIS A 117 -10.07 1.35 -15.71
N LEU A 118 -8.89 1.73 -15.20
CA LEU A 118 -8.44 3.12 -15.18
C LEU A 118 -7.08 3.35 -15.85
N GLY A 119 -6.27 2.31 -16.00
CA GLY A 119 -4.98 2.42 -16.72
C GLY A 119 -3.75 2.53 -15.83
N PRO A 120 -2.53 2.40 -16.43
CA PRO A 120 -1.28 2.43 -15.65
C PRO A 120 -1.01 3.70 -14.82
N GLN A 121 -1.52 4.85 -15.28
CA GLN A 121 -1.35 6.11 -14.53
C GLN A 121 -2.07 6.13 -13.17
N PHE A 122 -3.19 5.42 -13.09
CA PHE A 122 -3.87 5.26 -11.82
C PHE A 122 -3.27 4.15 -10.94
N VAL A 123 -2.64 3.11 -11.50
CA VAL A 123 -1.92 2.11 -10.68
C VAL A 123 -0.84 2.77 -9.79
N GLU A 124 -0.16 3.76 -10.37
CA GLU A 124 0.87 4.50 -9.60
C GLU A 124 0.32 5.37 -8.47
N ARG A 125 -1.01 5.53 -8.41
CA ARG A 125 -1.72 6.33 -7.42
C ARG A 125 -2.37 5.44 -6.30
N ILE A 126 -2.10 4.12 -6.32
CA ILE A 126 -2.59 3.22 -5.27
C ILE A 126 -1.75 3.33 -3.98
N ILE A 127 -2.46 3.44 -2.85
CA ILE A 127 -1.88 3.26 -1.51
C ILE A 127 -2.63 2.12 -0.80
N LEU A 128 -1.90 1.05 -0.47
CA LEU A 128 -2.48 -0.10 0.22
C LEU A 128 -2.09 0.03 1.69
N THR A 129 -3.08 -0.01 2.57
CA THR A 129 -2.82 0.14 4.01
C THR A 129 -4.02 -0.35 4.84
N ARG A 130 -3.75 -0.89 6.03
CA ARG A 130 -4.82 -1.24 6.97
C ARG A 130 -5.14 -0.03 7.89
N ASP A 131 -4.33 1.05 7.81
CA ASP A 131 -4.54 2.24 8.64
C ASP A 131 -4.55 3.49 7.72
N LYS A 132 -5.74 4.03 7.41
CA LYS A 132 -5.84 5.23 6.53
C LYS A 132 -5.58 6.57 7.27
N THR A 133 -5.59 6.53 8.61
CA THR A 133 -5.40 7.77 9.40
C THR A 133 -3.96 8.30 9.32
N VAL A 134 -2.99 7.45 8.92
CA VAL A 134 -1.58 7.88 8.73
C VAL A 134 -1.28 8.35 7.29
N VAL A 135 -2.32 8.52 6.46
CA VAL A 135 -2.19 9.07 5.10
C VAL A 135 -2.71 10.53 5.07
N LEU A 136 -1.89 11.43 4.52
CA LEU A 136 -2.19 12.88 4.46
C LEU A 136 -3.09 13.28 3.29
N GLY A 137 -4.22 13.96 3.56
CA GLY A 137 -5.09 14.49 2.49
C GLY A 137 -6.18 15.39 3.04
N ASP A 138 -6.94 16.06 2.15
CA ASP A 138 -8.02 16.95 2.54
C ASP A 138 -9.38 16.26 2.74
N LEU A 139 -9.61 15.21 1.94
CA LEU A 139 -10.92 14.50 1.88
C LEU A 139 -10.66 13.00 1.74
N LEU A 140 -11.47 12.17 2.42
CA LEU A 140 -11.48 10.69 2.22
C LEU A 140 -12.93 10.30 1.89
N ILE A 141 -13.16 9.80 0.68
CA ILE A 141 -14.51 9.34 0.26
C ILE A 141 -14.57 7.80 0.45
N ASP A 142 -15.42 7.33 1.37
CA ASP A 142 -15.35 5.94 1.90
C ASP A 142 -16.73 5.56 2.47
N ASP A 143 -17.23 4.37 2.11
CA ASP A 143 -18.50 3.86 2.61
C ASP A 143 -18.50 3.32 4.06
N LYS A 144 -17.31 3.08 4.65
CA LYS A 144 -17.23 2.59 6.06
C LYS A 144 -17.76 3.69 7.02
N ASP A 145 -18.58 3.31 8.01
CA ASP A 145 -19.24 4.29 8.91
C ASP A 145 -18.24 5.19 9.61
N THR A 146 -17.18 4.59 10.16
CA THR A 146 -16.10 5.34 10.82
C THR A 146 -14.77 4.75 10.40
N VAL A 147 -13.83 5.61 10.02
CA VAL A 147 -12.50 5.17 9.59
C VAL A 147 -11.51 5.54 10.71
N ARG A 148 -10.93 4.53 11.34
CA ARG A 148 -10.09 4.71 12.55
C ARG A 148 -8.67 4.12 12.44
N GLY A 149 -7.81 4.50 13.37
CA GLY A 149 -6.41 4.08 13.37
C GLY A 149 -5.59 4.86 14.39
N GLN A 150 -4.27 4.93 14.17
CA GLN A 150 -3.34 5.55 15.15
C GLN A 150 -3.51 7.05 15.37
N GLU A 151 -3.92 7.79 14.34
CA GLU A 151 -4.14 9.26 14.51
C GLU A 151 -5.56 9.53 14.99
N GLU A 152 -5.69 10.11 16.19
CA GLU A 152 -7.00 10.45 16.76
C GLU A 152 -7.72 11.54 15.95
N THR A 153 -6.95 12.46 15.37
CA THR A 153 -7.47 13.55 14.53
C THR A 153 -6.83 13.49 13.12
N PRO A 154 -7.42 12.70 12.22
CA PRO A 154 -6.90 12.61 10.86
C PRO A 154 -6.85 13.98 10.15
N SER A 155 -5.94 14.12 9.18
CA SER A 155 -5.85 15.35 8.37
C SER A 155 -7.10 15.57 7.49
N TRP A 156 -7.66 14.47 6.98
CA TRP A 156 -8.81 14.51 6.05
C TRP A 156 -10.17 14.62 6.75
N GLU A 157 -11.14 15.22 6.05
CA GLU A 157 -12.57 15.12 6.39
C GLU A 157 -13.12 13.85 5.71
N HIS A 158 -13.76 12.96 6.49
CA HIS A 158 -14.46 11.77 5.95
C HIS A 158 -15.82 12.17 5.35
N ILE A 159 -15.98 11.90 4.05
CA ILE A 159 -17.25 12.04 3.33
C ILE A 159 -17.83 10.63 3.19
N LEU A 160 -18.95 10.36 3.87
CA LEU A 160 -19.62 9.06 3.79
C LEU A 160 -20.22 8.86 2.40
N PHE A 161 -19.76 7.82 1.68
CA PHE A 161 -20.31 7.46 0.37
C PHE A 161 -21.46 6.45 0.56
N THR A 162 -22.67 6.80 0.09
CA THR A 162 -23.87 5.98 0.36
C THR A 162 -23.75 4.56 -0.28
N CYS A 163 -24.05 3.54 0.53
CA CYS A 163 -24.02 2.12 0.11
C CYS A 163 -25.14 1.40 0.89
N CYS A 164 -25.59 0.25 0.39
CA CYS A 164 -26.72 -0.48 1.00
C CYS A 164 -26.61 -0.60 2.53
N HIS A 165 -25.43 -0.97 3.04
CA HIS A 165 -25.23 -1.27 4.47
C HIS A 165 -25.26 -0.02 5.38
N ASN A 166 -25.03 1.18 4.81
CA ASN A 166 -25.01 2.45 5.59
C ASN A 166 -26.19 3.39 5.33
N ARG A 167 -27.11 3.04 4.43
CA ARG A 167 -28.21 3.95 3.99
C ARG A 167 -29.11 4.39 5.16
N HIS A 168 -29.27 3.48 6.13
CA HIS A 168 -30.13 3.71 7.32
C HIS A 168 -29.63 4.83 8.25
N LEU A 169 -28.32 5.12 8.22
CA LEU A 169 -27.73 6.16 9.08
C LEU A 169 -28.23 7.56 8.70
N VAL A 170 -28.45 8.40 9.71
CA VAL A 170 -28.75 9.83 9.48
C VAL A 170 -27.61 10.65 10.07
N LEU A 171 -26.91 11.41 9.23
CA LEU A 171 -25.79 12.26 9.69
C LEU A 171 -26.32 13.56 10.33
N PRO A 172 -25.59 14.09 11.33
CA PRO A 172 -25.95 15.41 11.89
C PRO A 172 -25.68 16.54 10.89
N PRO A 173 -26.23 17.75 11.13
CA PRO A 173 -26.06 18.88 10.19
C PRO A 173 -24.61 19.33 9.97
N THR A 174 -23.72 18.91 10.86
CA THR A 174 -22.29 19.25 10.82
C THR A 174 -21.47 18.39 9.85
N ARG A 175 -22.10 17.37 9.28
CA ARG A 175 -21.41 16.42 8.39
C ARG A 175 -22.11 16.25 7.03
N ARG A 176 -21.38 15.64 6.08
CA ARG A 176 -21.80 15.53 4.68
C ARG A 176 -21.82 14.07 4.20
N ARG A 177 -22.90 13.71 3.51
CA ARG A 177 -23.09 12.40 2.84
C ARG A 177 -23.13 12.67 1.33
N LEU A 178 -22.48 11.80 0.55
CA LEU A 178 -22.53 11.85 -0.91
C LEU A 178 -23.54 10.76 -1.27
N LEU A 179 -24.66 11.13 -1.89
CA LEU A 179 -25.72 10.16 -2.22
C LEU A 179 -25.29 9.17 -3.32
N SER A 180 -24.45 9.65 -4.24
CA SER A 180 -23.98 8.92 -5.44
C SER A 180 -22.97 9.85 -6.13
N TRP A 181 -22.36 9.35 -7.21
CA TRP A 181 -21.44 10.18 -7.96
C TRP A 181 -22.14 11.35 -8.75
N SER A 182 -23.48 11.32 -8.87
CA SER A 182 -24.25 12.45 -9.48
C SER A 182 -24.59 13.59 -8.47
N ASP A 183 -24.26 13.40 -7.19
CA ASP A 183 -24.61 14.34 -6.09
C ASP A 183 -23.65 15.53 -5.84
N ASN A 184 -23.16 16.15 -6.90
CA ASN A 184 -22.38 17.42 -6.81
C ASN A 184 -21.08 17.37 -5.95
N TRP A 185 -20.21 16.38 -6.23
CA TRP A 185 -18.92 16.24 -5.56
C TRP A 185 -18.01 17.47 -5.79
N ARG A 186 -18.16 18.16 -6.93
CA ARG A 186 -17.32 19.36 -7.20
C ARG A 186 -17.46 20.44 -6.11
N GLU A 187 -18.67 20.60 -5.59
CA GLU A 187 -18.93 21.59 -4.53
C GLU A 187 -18.18 21.23 -3.23
N ILE A 188 -18.07 19.92 -2.93
CA ILE A 188 -17.29 19.44 -1.77
C ILE A 188 -15.80 19.80 -1.89
N LEU A 189 -15.21 19.51 -3.06
CA LEU A 189 -13.81 19.91 -3.31
C LEU A 189 -13.62 21.43 -3.23
N ASP A 190 -14.57 22.20 -3.76
CA ASP A 190 -14.51 23.68 -3.76
C ASP A 190 -14.44 24.28 -2.36
N SER A 191 -15.07 23.59 -1.38
CA SER A 191 -14.98 23.98 0.04
C SER A 191 -13.56 23.97 0.63
N LYS A 192 -12.63 23.27 -0.04
CA LYS A 192 -11.23 23.16 0.44
C LYS A 192 -10.26 24.07 -0.31
N ARG A 193 -10.78 24.84 -1.27
CA ARG A 193 -9.95 25.75 -2.09
C ARG A 193 -9.83 27.14 -1.48
N SER B 2 3.87 9.22 21.00
CA SER B 2 4.62 8.10 20.33
C SER B 2 5.45 8.57 19.14
N VAL B 3 6.59 7.92 18.94
CA VAL B 3 7.44 8.11 17.74
C VAL B 3 7.07 7.03 16.70
N ARG B 4 6.70 7.47 15.49
CA ARG B 4 6.36 6.53 14.40
C ARG B 4 7.53 6.41 13.43
N VAL B 5 8.01 5.18 13.24
CA VAL B 5 9.14 4.87 12.36
C VAL B 5 8.67 4.10 11.13
N LEU B 6 8.90 4.68 9.96
CA LEU B 6 8.63 4.04 8.67
C LEU B 6 9.92 3.33 8.18
N VAL B 7 9.82 2.04 7.86
CA VAL B 7 11.00 1.21 7.48
C VAL B 7 10.85 0.61 6.07
N ASP B 8 11.78 0.95 5.18
CA ASP B 8 11.85 0.42 3.81
C ASP B 8 12.19 -1.10 3.82
N MET B 9 11.87 -1.81 2.73
CA MET B 9 12.22 -3.25 2.60
C MET B 9 13.56 -3.51 1.85
N ASP B 10 13.61 -3.18 0.55
CA ASP B 10 14.80 -3.55 -0.25
C ASP B 10 16.03 -2.76 0.20
N GLY B 11 17.12 -3.46 0.53
CA GLY B 11 18.34 -2.80 1.01
C GLY B 11 18.34 -2.46 2.50
N VAL B 12 17.26 -2.76 3.21
CA VAL B 12 17.13 -2.40 4.64
C VAL B 12 16.74 -3.65 5.48
N LEU B 13 15.68 -4.33 5.04
CA LEU B 13 15.27 -5.65 5.61
C LEU B 13 15.65 -6.87 4.75
N ALA B 14 15.54 -6.73 3.41
CA ALA B 14 15.78 -7.80 2.44
C ALA B 14 16.96 -7.45 1.53
N ASP B 15 17.87 -8.41 1.29
CA ASP B 15 19.11 -8.16 0.52
C ASP B 15 18.86 -8.28 -1.00
N PHE B 16 18.28 -7.21 -1.56
CA PHE B 16 17.97 -7.08 -3.01
C PHE B 16 19.25 -7.18 -3.87
N GLU B 17 20.28 -6.41 -3.51
CA GLU B 17 21.52 -6.40 -4.31
C GLU B 17 22.22 -7.77 -4.37
N ALA B 18 22.33 -8.48 -3.25
CA ALA B 18 22.96 -9.83 -3.27
C ALA B 18 22.10 -10.84 -4.05
N GLY B 19 20.78 -10.73 -3.89
CA GLY B 19 19.85 -11.57 -4.64
C GLY B 19 19.93 -11.35 -6.15
N LEU B 20 20.02 -10.08 -6.56
CA LEU B 20 20.12 -9.73 -7.97
C LEU B 20 21.42 -10.28 -8.58
N LEU B 21 22.55 -10.09 -7.89
CA LEU B 21 23.84 -10.58 -8.41
C LEU B 21 23.87 -12.12 -8.53
N ARG B 22 23.41 -12.80 -7.48
CA ARG B 22 23.34 -14.28 -7.50
C ARG B 22 22.46 -14.79 -8.65
N GLY B 23 21.28 -14.19 -8.82
CA GLY B 23 20.36 -14.54 -9.90
C GLY B 23 20.92 -14.28 -11.29
N PHE B 24 21.61 -13.15 -11.47
CA PHE B 24 22.23 -12.81 -12.76
C PHE B 24 23.36 -13.82 -13.11
N ARG B 25 24.23 -14.15 -12.15
CA ARG B 25 25.32 -15.12 -12.38
C ARG B 25 24.82 -16.54 -12.66
N ARG B 26 23.70 -16.93 -12.05
CA ARG B 26 23.10 -18.25 -12.32
C ARG B 26 22.45 -18.31 -13.70
N ARG B 27 21.72 -17.24 -14.09
CA ARG B 27 20.98 -17.21 -15.36
C ARG B 27 21.85 -16.91 -16.59
N PHE B 28 22.88 -16.07 -16.39
CA PHE B 28 23.77 -15.61 -17.46
C PHE B 28 25.24 -15.89 -17.06
N PRO B 29 25.62 -17.20 -16.89
CA PRO B 29 26.94 -17.54 -16.31
C PRO B 29 28.17 -17.11 -17.13
N GLU B 30 28.01 -16.80 -18.42
CA GLU B 30 29.14 -16.35 -19.24
C GLU B 30 29.39 -14.83 -19.17
N GLU B 31 28.40 -14.06 -18.71
CA GLU B 31 28.40 -12.59 -18.86
C GLU B 31 29.24 -11.84 -17.81
N PRO B 32 29.82 -10.66 -18.19
CA PRO B 32 30.46 -9.85 -17.15
C PRO B 32 29.43 -9.34 -16.13
N HIS B 33 29.87 -9.11 -14.90
CA HIS B 33 28.97 -8.62 -13.85
C HIS B 33 29.57 -7.41 -13.11
N VAL B 34 28.74 -6.74 -12.28
CA VAL B 34 29.19 -5.66 -11.41
C VAL B 34 29.35 -6.21 -9.96
N PRO B 35 30.61 -6.37 -9.46
CA PRO B 35 30.77 -6.78 -8.06
C PRO B 35 30.08 -5.77 -7.13
N LEU B 36 29.55 -6.25 -6.01
CA LEU B 36 28.82 -5.37 -5.09
C LEU B 36 29.65 -4.15 -4.64
N GLU B 37 30.94 -4.37 -4.40
CA GLU B 37 31.87 -3.32 -3.96
C GLU B 37 31.97 -2.16 -4.98
N GLN B 38 31.68 -2.47 -6.24
CA GLN B 38 31.77 -1.50 -7.34
C GLN B 38 30.42 -0.81 -7.70
N ARG B 39 29.34 -1.17 -7.00
CA ARG B 39 28.02 -0.57 -7.30
C ARG B 39 27.98 0.92 -6.94
N ARG B 40 27.47 1.73 -7.87
CA ARG B 40 27.23 3.18 -7.68
C ARG B 40 25.89 3.60 -8.29
N GLY B 41 25.10 4.38 -7.54
CA GLY B 41 23.80 4.86 -8.02
C GLY B 41 22.68 3.88 -7.70
N PHE B 42 21.49 4.42 -7.41
CA PHE B 42 20.36 3.64 -6.87
C PHE B 42 19.90 2.49 -7.80
N LEU B 43 19.63 2.79 -9.07
CA LEU B 43 19.14 1.78 -10.02
C LEU B 43 20.24 0.91 -10.64
N ALA B 44 20.28 -0.35 -10.25
CA ALA B 44 21.28 -1.29 -10.79
C ALA B 44 21.23 -1.38 -12.32
N ARG B 45 20.02 -1.30 -12.88
CA ARG B 45 19.84 -1.44 -14.33
C ARG B 45 20.63 -0.39 -15.13
N GLU B 46 20.75 0.81 -14.57
CA GLU B 46 21.45 1.88 -15.29
C GLU B 46 22.98 1.68 -15.29
N GLN B 47 23.54 1.08 -14.22
CA GLN B 47 24.97 0.75 -14.20
C GLN B 47 25.29 -0.41 -15.18
N TYR B 48 24.41 -1.41 -15.23
CA TYR B 48 24.54 -2.48 -16.23
C TYR B 48 24.42 -1.94 -17.67
N ARG B 49 23.49 -1.00 -17.92
CA ARG B 49 23.38 -0.36 -19.25
C ARG B 49 24.70 0.31 -19.67
N ALA B 50 25.35 0.96 -18.71
CA ALA B 50 26.65 1.63 -18.96
C ALA B 50 27.77 0.62 -19.28
N LEU B 51 27.72 -0.56 -18.64
CA LEU B 51 28.72 -1.61 -18.88
C LEU B 51 28.63 -2.13 -20.33
N ARG B 52 27.40 -2.43 -20.78
CA ARG B 52 27.07 -2.80 -22.17
C ARG B 52 25.54 -2.70 -22.35
N PRO B 53 25.05 -1.93 -23.36
CA PRO B 53 23.60 -1.65 -23.50
C PRO B 53 22.60 -2.80 -23.28
N ASP B 54 22.81 -3.97 -23.90
CA ASP B 54 21.84 -5.09 -23.77
C ASP B 54 21.77 -5.72 -22.37
N LEU B 55 22.76 -5.44 -21.52
CA LEU B 55 22.76 -5.96 -20.14
C LEU B 55 21.62 -5.34 -19.29
N ALA B 56 21.14 -4.16 -19.66
CA ALA B 56 20.03 -3.51 -18.91
C ALA B 56 18.78 -4.39 -18.84
N ASP B 57 18.32 -4.89 -19.98
CA ASP B 57 17.11 -5.72 -20.00
C ASP B 57 17.38 -7.11 -19.38
N LYS B 58 18.61 -7.62 -19.50
CA LYS B 58 18.98 -8.91 -18.87
C LYS B 58 18.85 -8.84 -17.33
N VAL B 59 19.46 -7.83 -16.73
CA VAL B 59 19.40 -7.74 -15.26
C VAL B 59 17.95 -7.44 -14.78
N ALA B 60 17.20 -6.61 -15.51
CA ALA B 60 15.78 -6.38 -15.19
C ALA B 60 14.96 -7.69 -15.22
N SER B 61 15.27 -8.58 -16.16
CA SER B 61 14.58 -9.86 -16.23
C SER B 61 14.76 -10.74 -14.97
N VAL B 62 15.88 -10.57 -14.28
CA VAL B 62 16.10 -11.25 -12.99
C VAL B 62 15.12 -10.77 -11.89
N TYR B 63 15.03 -9.44 -11.68
CA TYR B 63 14.15 -8.94 -10.60
C TYR B 63 12.65 -8.89 -10.94
N GLU B 64 12.33 -9.07 -12.23
CA GLU B 64 10.93 -9.15 -12.68
C GLU B 64 10.39 -10.60 -12.67
N ALA B 65 11.24 -11.59 -12.41
CA ALA B 65 10.87 -13.02 -12.48
C ALA B 65 10.07 -13.54 -11.27
N PRO B 66 9.13 -14.50 -11.51
CA PRO B 66 8.48 -15.16 -10.36
C PRO B 66 9.49 -15.68 -9.31
N GLY B 67 9.23 -15.42 -8.03
CA GLY B 67 10.07 -15.93 -6.97
C GLY B 67 11.20 -15.01 -6.50
N PHE B 68 11.55 -14.00 -7.30
CA PHE B 68 12.69 -13.14 -6.94
C PHE B 68 12.52 -12.46 -5.57
N PHE B 69 11.41 -11.73 -5.37
CA PHE B 69 11.19 -11.06 -4.09
C PHE B 69 10.96 -12.07 -2.95
N LEU B 70 10.22 -13.15 -3.22
CA LEU B 70 9.92 -14.17 -2.20
C LEU B 70 11.20 -14.79 -1.58
N ASP B 71 12.22 -15.02 -2.42
CA ASP B 71 13.44 -15.78 -2.04
C ASP B 71 14.61 -14.95 -1.51
N LEU B 72 14.46 -13.61 -1.40
CA LEU B 72 15.56 -12.78 -0.88
C LEU B 72 15.92 -13.17 0.56
N GLU B 73 17.21 -13.10 0.89
CA GLU B 73 17.69 -13.39 2.25
C GLU B 73 17.61 -12.10 3.11
N PRO B 74 17.39 -12.24 4.43
CA PRO B 74 17.37 -11.05 5.31
C PRO B 74 18.73 -10.35 5.42
N ILE B 75 18.71 -9.02 5.56
CA ILE B 75 19.90 -8.23 5.92
C ILE B 75 20.34 -8.59 7.37
N PRO B 76 21.67 -8.76 7.64
CA PRO B 76 22.10 -9.13 9.01
C PRO B 76 21.57 -8.18 10.09
N GLY B 77 21.02 -8.75 11.15
CA GLY B 77 20.53 -7.97 12.28
C GLY B 77 19.20 -7.25 12.08
N ALA B 78 18.64 -7.28 10.86
CA ALA B 78 17.44 -6.48 10.51
C ALA B 78 16.17 -6.97 11.23
N LEU B 79 15.94 -8.27 11.18
CA LEU B 79 14.71 -8.85 11.72
C LEU B 79 14.67 -8.67 13.24
N ASP B 80 15.79 -8.96 13.90
CA ASP B 80 15.90 -8.75 15.35
C ASP B 80 15.72 -7.26 15.74
N ALA B 81 16.29 -6.35 14.96
CA ALA B 81 16.12 -4.92 15.23
C ALA B 81 14.67 -4.44 15.12
N VAL B 82 13.95 -4.87 14.08
CA VAL B 82 12.54 -4.49 13.92
C VAL B 82 11.66 -5.05 15.05
N ARG B 83 11.95 -6.29 15.48
CA ARG B 83 11.23 -6.91 16.61
C ARG B 83 11.42 -6.08 17.88
N GLU B 84 12.67 -5.71 18.17
CA GLU B 84 13.02 -4.89 19.34
C GLU B 84 12.38 -3.50 19.29
N MET B 85 12.46 -2.85 18.13
CA MET B 85 11.91 -1.51 17.91
C MET B 85 10.39 -1.49 18.15
N ASN B 86 9.69 -2.46 17.58
CA ASN B 86 8.23 -2.49 17.72
C ASN B 86 7.77 -2.75 19.16
N ASP B 87 8.63 -3.37 19.96
CA ASP B 87 8.32 -3.67 21.36
C ASP B 87 8.62 -2.53 22.33
N LEU B 88 9.34 -1.50 21.88
CA LEU B 88 9.72 -0.37 22.77
C LEU B 88 8.49 0.45 23.17
N PRO B 89 8.48 0.99 24.42
CA PRO B 89 7.35 1.85 24.79
C PRO B 89 7.26 3.12 23.92
N ASP B 90 6.03 3.60 23.69
CA ASP B 90 5.76 4.85 22.93
C ASP B 90 6.46 4.86 21.56
N THR B 91 6.41 3.73 20.87
CA THR B 91 7.02 3.54 19.55
C THR B 91 6.08 2.71 18.66
N GLN B 92 5.89 3.17 17.42
CA GLN B 92 5.06 2.48 16.39
C GLN B 92 5.93 2.23 15.15
N VAL B 93 5.85 1.03 14.57
CA VAL B 93 6.58 0.69 13.33
C VAL B 93 5.63 0.35 12.17
N PHE B 94 5.85 0.95 11.00
CA PHE B 94 5.22 0.49 9.74
C PHE B 94 6.33 0.11 8.74
N ILE B 95 6.09 -0.92 7.93
CA ILE B 95 6.95 -1.28 6.79
C ILE B 95 6.40 -0.55 5.55
N CYS B 96 7.10 0.50 5.09
CA CYS B 96 6.62 1.42 4.03
C CYS B 96 7.48 1.21 2.79
N THR B 97 6.90 0.55 1.78
CA THR B 97 7.65 0.00 0.65
C THR B 97 6.93 0.28 -0.67
N SER B 98 7.70 0.40 -1.75
CA SER B 98 7.17 0.67 -3.10
C SER B 98 7.20 -0.59 -3.99
N PRO B 99 6.13 -0.82 -4.76
CA PRO B 99 6.21 -1.87 -5.78
C PRO B 99 6.95 -1.38 -7.03
N LEU B 100 7.52 -2.32 -7.80
CA LEU B 100 7.95 -2.01 -9.16
C LEU B 100 6.76 -1.49 -9.99
N LEU B 101 7.06 -0.74 -11.06
CA LEU B 101 6.06 -0.44 -12.09
C LEU B 101 5.50 -1.72 -12.72
N LYS B 102 6.38 -2.70 -12.98
CA LYS B 102 5.94 -4.07 -13.33
C LYS B 102 5.60 -4.80 -12.02
N TYR B 103 4.38 -4.58 -11.53
CA TYR B 103 3.95 -4.97 -10.17
C TYR B 103 3.62 -6.48 -10.00
N HIS B 104 3.39 -7.20 -11.11
CA HIS B 104 2.77 -8.53 -11.06
C HIS B 104 3.38 -9.53 -10.04
N HIS B 105 4.70 -9.72 -10.09
CA HIS B 105 5.40 -10.68 -9.20
C HIS B 105 6.07 -10.06 -7.98
N CYS B 106 5.70 -8.81 -7.69
CA CYS B 106 6.30 -8.06 -6.61
C CYS B 106 5.32 -7.88 -5.43
N VAL B 107 4.08 -7.45 -5.69
CA VAL B 107 3.16 -7.04 -4.59
C VAL B 107 2.80 -8.22 -3.64
N GLY B 108 2.31 -9.33 -4.18
CA GLY B 108 1.97 -10.50 -3.35
C GLY B 108 3.20 -11.14 -2.68
N GLU B 109 4.33 -11.19 -3.39
CA GLU B 109 5.57 -11.79 -2.84
C GLU B 109 6.12 -11.01 -1.64
N LYS B 110 5.98 -9.67 -1.65
CA LYS B 110 6.41 -8.85 -0.51
C LYS B 110 5.58 -9.15 0.75
N TYR B 111 4.26 -9.27 0.58
CA TYR B 111 3.38 -9.65 1.70
C TYR B 111 3.78 -11.03 2.29
N ARG B 112 3.98 -12.03 1.42
CA ARG B 112 4.39 -13.38 1.88
C ARG B 112 5.79 -13.40 2.54
N TRP B 113 6.74 -12.62 2.02
CA TRP B 113 8.06 -12.52 2.65
C TRP B 113 7.95 -12.03 4.11
N VAL B 114 7.15 -10.98 4.33
CA VAL B 114 6.93 -10.46 5.69
C VAL B 114 6.25 -11.52 6.57
N GLU B 115 5.20 -12.15 6.05
CA GLU B 115 4.49 -13.22 6.81
C GLU B 115 5.46 -14.33 7.29
N GLN B 116 6.33 -14.81 6.40
CA GLN B 116 7.26 -15.90 6.77
C GLN B 116 8.39 -15.50 7.72
N HIS B 117 9.01 -14.35 7.45
CA HIS B 117 10.17 -13.92 8.22
C HIS B 117 9.84 -13.19 9.53
N LEU B 118 8.70 -12.50 9.59
CA LEU B 118 8.30 -11.69 10.77
C LEU B 118 6.97 -12.10 11.40
N GLY B 119 6.13 -12.81 10.65
CA GLY B 119 4.84 -13.30 11.16
C GLY B 119 3.62 -12.44 10.77
N PRO B 120 2.40 -12.99 10.99
CA PRO B 120 1.14 -12.32 10.59
C PRO B 120 0.92 -10.91 11.18
N GLN B 121 1.40 -10.65 12.41
CA GLN B 121 1.18 -9.34 13.03
C GLN B 121 1.89 -8.22 12.27
N PHE B 122 3.05 -8.53 11.69
CA PHE B 122 3.79 -7.54 10.89
C PHE B 122 3.17 -7.30 9.49
N VAL B 123 2.45 -8.29 8.97
CA VAL B 123 1.74 -8.09 7.69
C VAL B 123 0.73 -6.91 7.78
N GLU B 124 0.08 -6.76 8.94
CA GLU B 124 -0.88 -5.68 9.18
C GLU B 124 -0.25 -4.28 9.24
N ARG B 125 1.09 -4.23 9.33
CA ARG B 125 1.85 -2.98 9.38
C ARG B 125 2.46 -2.58 8.03
N ILE B 126 2.13 -3.29 6.94
CA ILE B 126 2.62 -2.91 5.60
C ILE B 126 1.82 -1.74 5.01
N ILE B 127 2.56 -0.75 4.45
CA ILE B 127 1.99 0.30 3.59
C ILE B 127 2.71 0.23 2.24
N LEU B 128 1.95 -0.01 1.17
CA LEU B 128 2.48 -0.05 -0.18
C LEU B 128 2.14 1.28 -0.84
N THR B 129 3.15 1.96 -1.38
CA THR B 129 2.93 3.27 -2.02
C THR B 129 4.12 3.62 -2.91
N ARG B 130 3.84 4.30 -4.04
CA ARG B 130 4.92 4.93 -4.85
C ARG B 130 5.30 6.33 -4.37
N ASP B 131 4.55 6.89 -3.42
CA ASP B 131 4.82 8.23 -2.86
C ASP B 131 4.81 8.14 -1.33
N LYS B 132 6.01 8.12 -0.74
CA LYS B 132 6.15 8.02 0.72
C LYS B 132 5.95 9.38 1.43
N THR B 133 6.02 10.48 0.67
CA THR B 133 5.86 11.82 1.26
C THR B 133 4.45 12.15 1.78
N VAL B 134 3.44 11.37 1.33
CA VAL B 134 2.06 11.53 1.81
C VAL B 134 1.74 10.59 2.99
N VAL B 135 2.77 9.91 3.53
CA VAL B 135 2.63 9.08 4.73
C VAL B 135 3.19 9.84 5.95
N LEU B 136 2.38 9.96 7.01
CA LEU B 136 2.74 10.65 8.25
C LEU B 136 3.64 9.84 9.20
N GLY B 137 4.80 10.38 9.56
CA GLY B 137 5.66 9.73 10.53
C GLY B 137 6.77 10.66 10.98
N ASP B 138 7.55 10.23 11.98
CA ASP B 138 8.68 11.02 12.50
C ASP B 138 10.01 10.72 11.81
N LEU B 139 10.19 9.46 11.38
CA LEU B 139 11.44 8.98 10.76
C LEU B 139 11.13 8.04 9.60
N LEU B 140 11.94 8.10 8.54
CA LEU B 140 11.93 7.13 7.44
C LEU B 140 13.36 6.57 7.27
N ILE B 141 13.53 5.26 7.45
CA ILE B 141 14.84 4.56 7.29
C ILE B 141 14.84 3.87 5.90
N ASP B 142 15.68 4.37 5.00
CA ASP B 142 15.57 4.05 3.55
C ASP B 142 16.94 4.24 2.88
N ASP B 143 17.37 3.28 2.05
CA ASP B 143 18.66 3.35 1.34
C ASP B 143 18.67 4.23 0.07
N LYS B 144 17.50 4.70 -0.39
CA LYS B 144 17.42 5.57 -1.58
C LYS B 144 18.00 6.95 -1.29
N ASP B 145 18.81 7.47 -2.22
CA ASP B 145 19.55 8.73 -2.01
C ASP B 145 18.66 9.89 -1.53
N THR B 146 17.57 10.15 -2.26
CA THR B 146 16.57 11.17 -1.91
C THR B 146 15.18 10.56 -2.11
N VAL B 147 14.28 10.79 -1.16
CA VAL B 147 12.92 10.26 -1.24
C VAL B 147 11.98 11.45 -1.48
N ARG B 148 11.32 11.46 -2.65
CA ARG B 148 10.48 12.62 -3.04
C ARG B 148 9.07 12.26 -3.50
N GLY B 149 8.25 13.29 -3.69
CA GLY B 149 6.81 13.14 -4.00
C GLY B 149 6.04 14.46 -3.90
N GLN B 150 4.73 14.39 -3.69
CA GLN B 150 3.87 15.59 -3.74
C GLN B 150 4.07 16.60 -2.60
N GLU B 151 4.40 16.11 -1.39
CA GLU B 151 4.72 17.02 -0.28
C GLU B 151 6.16 17.53 -0.38
N GLU B 152 6.32 18.83 -0.63
CA GLU B 152 7.65 19.43 -0.73
C GLU B 152 8.45 19.30 0.58
N THR B 153 7.75 19.40 1.72
CA THR B 153 8.37 19.19 3.02
C THR B 153 7.66 18.06 3.78
N PRO B 154 8.15 16.81 3.64
CA PRO B 154 7.58 15.67 4.35
C PRO B 154 7.57 15.85 5.89
N SER B 155 6.64 15.17 6.56
CA SER B 155 6.57 15.18 8.03
C SER B 155 7.78 14.48 8.69
N TRP B 156 8.31 13.47 8.01
CA TRP B 156 9.43 12.67 8.52
C TRP B 156 10.82 13.22 8.19
N GLU B 157 11.79 12.91 9.06
CA GLU B 157 13.21 13.03 8.73
C GLU B 157 13.70 11.73 8.06
N HIS B 158 14.36 11.86 6.90
CA HIS B 158 14.95 10.71 6.19
C HIS B 158 16.33 10.35 6.76
N ILE B 159 16.47 9.11 7.29
CA ILE B 159 17.74 8.54 7.73
C ILE B 159 18.25 7.59 6.62
N LEU B 160 19.40 7.91 6.04
CA LEU B 160 19.95 7.12 4.96
C LEU B 160 20.58 5.81 5.49
N PHE B 161 20.01 4.66 5.11
CA PHE B 161 20.55 3.34 5.51
C PHE B 161 21.64 2.92 4.52
N THR B 162 22.83 2.61 5.03
CA THR B 162 24.00 2.32 4.17
C THR B 162 23.83 1.00 3.40
N CYS B 163 24.18 1.06 2.11
CA CYS B 163 24.11 -0.09 1.19
C CYS B 163 25.27 0.07 0.20
N CYS B 164 25.67 -1.02 -0.46
CA CYS B 164 26.79 -0.97 -1.41
C CYS B 164 26.69 0.23 -2.39
N HIS B 165 25.49 0.49 -2.93
CA HIS B 165 25.32 1.54 -3.97
C HIS B 165 25.39 3.00 -3.47
N ASN B 166 25.27 3.23 -2.16
CA ASN B 166 25.29 4.59 -1.59
C ASN B 166 26.47 4.88 -0.63
N ARG B 167 27.34 3.88 -0.44
CA ARG B 167 28.44 3.97 0.55
C ARG B 167 29.38 5.14 0.27
N HIS B 168 29.58 5.43 -1.00
CA HIS B 168 30.54 6.44 -1.44
C HIS B 168 29.90 7.82 -1.65
N LEU B 169 28.58 7.91 -1.42
CA LEU B 169 27.82 9.14 -1.64
C LEU B 169 28.17 10.23 -0.62
N VAL B 170 28.40 11.44 -1.12
CA VAL B 170 28.79 12.58 -0.29
C VAL B 170 27.57 13.34 0.28
N LEU B 171 27.57 13.54 1.60
CA LEU B 171 26.42 14.12 2.32
C LEU B 171 26.81 15.32 3.20
N PRO B 172 25.95 16.35 3.26
CA PRO B 172 26.12 17.46 4.19
C PRO B 172 25.79 17.05 5.63
N PRO B 173 26.29 17.80 6.64
CA PRO B 173 26.04 17.48 8.05
C PRO B 173 24.55 17.45 8.43
N THR B 174 23.71 18.03 7.58
CA THR B 174 22.25 18.02 7.79
C THR B 174 21.58 16.65 7.52
N ARG B 175 22.23 15.80 6.73
CA ARG B 175 21.71 14.45 6.43
C ARG B 175 22.37 13.38 7.30
N ARG B 176 21.56 12.67 8.08
CA ARG B 176 22.06 11.59 8.95
C ARG B 176 22.06 10.20 8.26
N ARG B 177 23.03 9.37 8.63
CA ARG B 177 23.28 8.02 8.07
C ARG B 177 23.32 6.94 9.18
N LEU B 178 22.67 5.79 8.95
CA LEU B 178 22.83 4.58 9.79
C LEU B 178 23.75 3.59 9.04
N LEU B 179 24.84 3.16 9.68
CA LEU B 179 25.84 2.31 8.96
C LEU B 179 25.39 0.85 8.75
N SER B 180 24.54 0.37 9.64
CA SER B 180 24.07 -1.04 9.69
C SER B 180 23.10 -1.12 10.86
N TRP B 181 22.47 -2.27 11.01
CA TRP B 181 21.57 -2.48 12.18
C TRP B 181 22.33 -2.67 13.52
N SER B 182 23.65 -2.90 13.45
CA SER B 182 24.51 -2.95 14.65
C SER B 182 24.99 -1.54 15.08
N ASP B 183 24.76 -0.53 14.24
CA ASP B 183 24.96 0.90 14.58
C ASP B 183 23.86 1.38 15.55
N ASN B 184 24.01 2.60 16.10
CA ASN B 184 23.13 3.11 17.18
C ASN B 184 21.81 3.71 16.68
N TRP B 185 20.85 2.85 16.35
CA TRP B 185 19.51 3.30 15.95
C TRP B 185 18.66 3.84 17.12
N ARG B 186 18.88 3.30 18.33
CA ARG B 186 18.12 3.76 19.51
C ARG B 186 18.31 5.26 19.79
N GLU B 187 19.54 5.76 19.66
CA GLU B 187 19.81 7.19 19.84
C GLU B 187 19.06 8.08 18.83
N ILE B 188 18.93 7.60 17.60
CA ILE B 188 18.17 8.34 16.57
C ILE B 188 16.70 8.47 16.95
N LEU B 189 16.08 7.36 17.35
CA LEU B 189 14.67 7.39 17.80
C LEU B 189 14.53 8.34 19.01
N ASP B 190 15.49 8.26 19.94
CA ASP B 190 15.47 9.11 21.16
C ASP B 190 15.47 10.62 20.84
N SER B 191 16.12 11.00 19.75
CA SER B 191 16.18 12.40 19.31
C SER B 191 14.83 13.00 18.88
N LYS B 192 13.82 12.14 18.72
CA LYS B 192 12.46 12.54 18.35
C LYS B 192 11.46 12.52 19.51
N ARG B 193 11.91 12.10 20.69
CA ARG B 193 11.04 11.95 21.86
C ARG B 193 10.90 13.26 22.68
MG MG C . -15.30 0.50 1.11
AL ALF D . -11.87 -0.29 0.99
F1 ALF D . -13.64 -0.57 0.80
F2 ALF D . -10.21 0.12 1.39
F3 ALF D . -12.23 -0.13 2.75
F4 ALF D . -11.46 -0.47 -0.79
N1 DUR E . -14.67 -5.39 2.56
C2 DUR E . -16.01 -4.99 2.41
N3 DUR E . -16.99 -5.67 3.07
C4 DUR E . -16.76 -6.74 3.87
C5 DUR E . -15.43 -7.15 4.03
C6 DUR E . -14.39 -6.46 3.36
O2 DUR E . -16.28 -4.01 1.66
O4 DUR E . -17.74 -7.35 4.44
C1' DUR E . -13.63 -4.64 1.86
C2' DUR E . -13.25 -3.35 2.58
C3' DUR E . -11.78 -3.17 2.25
C4' DUR E . -11.28 -4.61 2.03
O3' DUR E . -11.58 -2.33 1.09
O4' DUR E . -12.44 -5.43 1.74
C5' DUR E . -10.53 -5.17 3.24
O5' DUR E . -11.31 -5.09 4.43
MG MG F . 15.35 0.37 -0.53
AL ALF G . 11.88 0.01 -1.03
F1 ALF G . 12.28 1.56 -1.86
F2 ALF G . 11.44 -1.55 -0.20
F3 ALF G . 10.24 0.68 -0.90
F4 ALF G . 13.64 -0.43 -1.17
N1 DUR H . 14.57 -1.57 -6.18
C2 DUR H . 15.92 -1.59 -5.75
N3 DUR H . 16.90 -1.47 -6.67
C4 DUR H . 16.64 -1.35 -7.99
C5 DUR H . 15.30 -1.34 -8.43
C6 DUR H . 14.27 -1.46 -7.50
O2 DUR H . 16.20 -1.69 -4.53
O4 DUR H . 17.62 -1.28 -8.80
C1' DUR H . 13.51 -1.69 -5.14
C2' DUR H . 13.21 -0.36 -4.42
C3' DUR H . 11.73 -0.48 -4.09
C4' DUR H . 11.17 -1.41 -5.16
O3' DUR H . 11.53 -0.98 -2.75
O4' DUR H . 12.27 -2.18 -5.68
C5' DUR H . 10.43 -0.64 -6.28
O5' DUR H . 11.28 0.33 -6.89
#